data_6NQC
#
_entry.id   6NQC
#
_cell.length_a   44.693
_cell.length_b   88.916
_cell.length_c   131.311
_cell.angle_alpha   90.00
_cell.angle_beta   90.00
_cell.angle_gamma   90.00
#
_symmetry.space_group_name_H-M   'C 2 2 21'
#
loop_
_entity.id
_entity.type
_entity.pdbx_description
1 polymer 'Cyanophycinase-like exopeptidase'
2 non-polymer 'SULFATE ION'
3 water water
#
_entity_poly.entity_id   1
_entity_poly.type   'polypeptide(L)'
_entity_poly.pdbx_seq_one_letter_code
;MGSSHHHHHHSSGENLYFQGHMIGSLGLVGSGEYLPALAEFEKSLIEDGIANGKKPIFLQIPTAAGRESENRIEFWKQLG
RQQADRLGYESKFLPVLKREDADNPEFVELVKDAALIYFSGGDPHYLADTLINTPLWQGIYENWQSGGSLAGCSAGAMVL
STHVPNFRLSRHQSTEGFGIIENVRVIPHFNKFFKWIPDSAAKILLDLPTDSILIGIDEVTALVKRSGTDHWQVVGDAKV
HILKGLPEQQLTAGESISF
;
_entity_poly.pdbx_strand_id   A
#
# COMPACT_ATOMS: atom_id res chain seq x y z
N LEU A 16 2.10 -5.57 28.45
CA LEU A 16 2.90 -6.51 27.60
C LEU A 16 2.00 -7.59 26.97
N TYR A 17 1.49 -8.54 27.77
CA TYR A 17 0.59 -9.59 27.25
C TYR A 17 -0.85 -9.05 26.89
N PHE A 18 -1.01 -7.73 26.91
CA PHE A 18 -2.15 -7.07 26.28
C PHE A 18 -1.84 -6.61 24.87
N GLN A 19 -0.64 -6.90 24.34
CA GLN A 19 -0.27 -6.45 23.02
C GLN A 19 -0.84 -7.37 21.93
N GLY A 20 -0.83 -6.86 20.69
CA GLY A 20 -1.14 -7.68 19.54
C GLY A 20 -2.61 -7.95 19.29
N HIS A 21 -3.51 -7.30 20.02
CA HIS A 21 -4.93 -7.55 19.84
C HIS A 21 -5.59 -6.60 18.82
N MET A 22 -4.86 -5.58 18.35
CA MET A 22 -5.45 -4.54 17.49
C MET A 22 -4.88 -4.64 16.07
N ILE A 23 -5.76 -4.43 15.09
CA ILE A 23 -5.29 -4.38 13.72
C ILE A 23 -4.39 -3.14 13.56
N GLY A 24 -3.31 -3.30 12.78
CA GLY A 24 -2.35 -2.25 12.59
C GLY A 24 -2.85 -1.13 11.69
N SER A 25 -2.08 -0.05 11.69
CA SER A 25 -2.41 1.07 10.82
C SER A 25 -2.30 0.64 9.35
N LEU A 26 -3.16 1.22 8.53
CA LEU A 26 -3.24 0.93 7.10
C LEU A 26 -3.09 2.23 6.33
N GLY A 27 -2.06 2.31 5.50
CA GLY A 27 -1.76 3.49 4.72
C GLY A 27 -1.95 3.25 3.22
N LEU A 28 -2.68 4.16 2.60
CA LEU A 28 -2.87 4.21 1.15
C LEU A 28 -2.20 5.46 0.61
N VAL A 29 -1.16 5.29 -0.23
CA VAL A 29 -0.32 6.40 -0.67
C VAL A 29 -0.46 6.57 -2.17
N GLY A 30 -0.67 7.80 -2.60
CA GLY A 30 -0.86 8.07 -4.04
C GLY A 30 0.41 8.10 -4.86
N SER A 31 1.53 8.48 -4.25
CA SER A 31 2.87 8.49 -4.86
C SER A 31 3.83 8.93 -3.75
N GLY A 32 5.12 8.77 -4.00
CA GLY A 32 6.13 9.44 -3.19
C GLY A 32 6.68 8.60 -2.08
N GLU A 33 6.60 7.26 -2.19
CA GLU A 33 7.18 6.41 -1.17
C GLU A 33 8.64 6.77 -0.94
N TYR A 34 9.05 6.65 0.32
CA TYR A 34 10.44 6.76 0.75
C TYR A 34 11.00 8.16 0.54
N LEU A 35 10.20 9.15 0.29
CA LEU A 35 10.77 10.47 0.04
C LEU A 35 10.60 11.41 1.24
N PRO A 36 11.43 12.47 1.33
CA PRO A 36 11.37 13.34 2.53
C PRO A 36 9.99 13.87 2.83
N ALA A 37 9.20 14.18 1.80
CA ALA A 37 7.89 14.79 2.01
C ALA A 37 6.92 13.88 2.75
N LEU A 38 7.10 12.56 2.66
CA LEU A 38 6.29 11.60 3.39
C LEU A 38 7.07 10.89 4.49
N ALA A 39 8.21 11.47 4.87
CA ALA A 39 9.05 10.88 5.90
C ALA A 39 8.36 10.85 7.24
N GLU A 40 7.69 11.93 7.64
CA GLU A 40 7.03 11.88 8.94
C GLU A 40 5.82 10.96 8.91
N PHE A 41 5.12 10.87 7.77
CA PHE A 41 4.06 9.87 7.66
C PHE A 41 4.61 8.46 7.86
N GLU A 42 5.69 8.10 7.14
CA GLU A 42 6.22 6.75 7.23
C GLU A 42 6.73 6.48 8.66
N LYS A 43 7.38 7.46 9.29
CA LYS A 43 7.82 7.32 10.68
C LYS A 43 6.64 7.02 11.60
N SER A 44 5.55 7.78 11.47
CA SER A 44 4.39 7.56 12.32
C SER A 44 3.84 6.13 12.19
N LEU A 45 3.88 5.57 10.97
CA LEU A 45 3.45 4.19 10.78
C LEU A 45 4.36 3.23 11.50
N ILE A 46 5.68 3.50 11.51
CA ILE A 46 6.59 2.65 12.24
C ILE A 46 6.34 2.75 13.73
N GLU A 47 6.10 3.98 14.20
CA GLU A 47 5.76 4.21 15.60
C GLU A 47 4.48 3.48 16.00
N ASP A 48 3.47 3.48 15.12
CA ASP A 48 2.24 2.77 15.40
C ASP A 48 2.50 1.29 15.66
N GLY A 49 3.33 0.65 14.82
CA GLY A 49 3.58 -0.77 14.99
C GLY A 49 4.46 -1.04 16.20
N ILE A 50 5.42 -0.16 16.46
CA ILE A 50 6.23 -0.26 17.67
C ILE A 50 5.35 -0.24 18.92
N ALA A 51 4.38 0.69 18.95
CA ALA A 51 3.49 0.80 20.11
C ALA A 51 2.71 -0.48 20.30
N ASN A 52 2.40 -1.20 19.22
CA ASN A 52 1.73 -2.48 19.31
C ASN A 52 2.68 -3.64 19.58
N GLY A 53 3.96 -3.37 19.85
CA GLY A 53 4.90 -4.41 20.25
C GLY A 53 5.69 -5.08 19.15
N LYS A 54 5.69 -4.54 17.93
CA LYS A 54 6.40 -5.15 16.82
C LYS A 54 7.85 -4.67 16.80
N LYS A 55 8.74 -5.50 16.26
CA LYS A 55 10.12 -5.07 16.07
C LYS A 55 10.17 -3.76 15.31
N PRO A 56 11.05 -2.86 15.67
CA PRO A 56 11.11 -1.53 15.00
C PRO A 56 11.81 -1.57 13.65
N ILE A 57 11.28 -2.39 12.73
CA ILE A 57 11.87 -2.48 11.39
C ILE A 57 10.92 -1.89 10.35
N PHE A 58 11.51 -1.35 9.28
CA PHE A 58 10.86 -0.79 8.10
C PHE A 58 11.08 -1.82 6.99
N LEU A 59 10.12 -2.72 6.85
CA LEU A 59 10.24 -3.83 5.92
C LEU A 59 9.68 -3.39 4.56
N GLN A 60 10.47 -3.52 3.52
CA GLN A 60 10.18 -2.92 2.21
C GLN A 60 10.07 -4.01 1.17
N ILE A 61 8.96 -4.04 0.47
CA ILE A 61 8.65 -5.11 -0.47
C ILE A 61 8.47 -4.50 -1.86
N PRO A 62 9.40 -4.80 -2.78
CA PRO A 62 9.41 -4.12 -4.07
C PRO A 62 8.87 -4.99 -5.18
N THR A 63 8.11 -6.01 -4.84
CA THR A 63 7.67 -6.97 -5.82
C THR A 63 6.93 -6.38 -7.00
N ALA A 64 6.22 -5.24 -6.81
CA ALA A 64 5.59 -4.57 -7.92
C ALA A 64 6.60 -4.26 -9.02
N ALA A 65 7.89 -4.12 -8.68
CA ALA A 65 8.91 -3.80 -9.65
C ALA A 65 9.73 -5.01 -10.04
N GLY A 66 9.25 -6.23 -9.71
CA GLY A 66 10.01 -7.46 -9.88
C GLY A 66 10.38 -7.82 -11.31
N ARG A 67 9.74 -7.23 -12.30
CA ARG A 67 10.15 -7.46 -13.68
C ARG A 67 11.14 -6.41 -14.17
N GLU A 68 11.50 -5.44 -13.32
CA GLU A 68 12.36 -4.36 -13.77
C GLU A 68 13.83 -4.77 -13.71
N SER A 69 14.68 -3.87 -14.21
CA SER A 69 16.11 -4.10 -14.27
C SER A 69 16.70 -4.41 -12.91
N GLU A 70 17.82 -5.13 -12.91
CA GLU A 70 18.54 -5.37 -11.66
C GLU A 70 19.01 -4.06 -11.04
N ASN A 71 19.36 -3.07 -11.86
CA ASN A 71 19.76 -1.76 -11.33
C ASN A 71 18.56 -1.02 -10.75
N ARG A 72 17.38 -1.16 -11.37
CA ARG A 72 16.17 -0.53 -10.87
C ARG A 72 15.84 -1.03 -9.48
N ILE A 73 15.94 -2.35 -9.28
CA ILE A 73 15.65 -2.93 -7.99
C ILE A 73 16.64 -2.44 -6.94
N GLU A 74 17.93 -2.40 -7.27
CA GLU A 74 18.90 -1.87 -6.32
C GLU A 74 18.63 -0.39 -6.02
N PHE A 75 18.14 0.37 -6.99
CA PHE A 75 17.78 1.75 -6.73
C PHE A 75 16.63 1.82 -5.72
N TRP A 76 15.63 0.94 -5.86
CA TRP A 76 14.56 0.88 -4.87
C TRP A 76 15.13 0.56 -3.48
N LYS A 77 16.00 -0.45 -3.41
CA LYS A 77 16.66 -0.80 -2.15
C LYS A 77 17.33 0.42 -1.50
N GLN A 78 18.10 1.16 -2.30
CA GLN A 78 18.90 2.24 -1.74
C GLN A 78 18.04 3.44 -1.40
N LEU A 79 17.02 3.73 -2.22
CA LEU A 79 16.01 4.72 -1.85
C LEU A 79 15.37 4.40 -0.50
N GLY A 80 14.90 3.16 -0.33
CA GLY A 80 14.29 2.79 0.94
C GLY A 80 15.26 2.77 2.09
N ARG A 81 16.48 2.30 1.85
CA ARG A 81 17.48 2.29 2.92
C ARG A 81 17.76 3.71 3.41
N GLN A 82 17.89 4.66 2.48
CA GLN A 82 18.20 6.03 2.87
C GLN A 82 17.04 6.68 3.61
N GLN A 83 15.80 6.33 3.28
CA GLN A 83 14.69 6.83 4.08
C GLN A 83 14.76 6.26 5.49
N ALA A 84 14.95 4.94 5.60
CA ALA A 84 15.00 4.31 6.92
C ALA A 84 16.11 4.90 7.77
N ASP A 85 17.26 5.18 7.16
CA ASP A 85 18.35 5.82 7.89
C ASP A 85 17.97 7.21 8.38
N ARG A 86 17.31 8.01 7.55
CA ARG A 86 16.88 9.32 7.99
C ARG A 86 15.92 9.23 9.16
N LEU A 87 15.05 8.20 9.19
CA LEU A 87 14.05 8.12 10.24
C LEU A 87 14.61 7.47 11.52
N GLY A 88 15.69 6.71 11.41
CA GLY A 88 16.26 6.06 12.59
C GLY A 88 15.84 4.64 12.84
N TYR A 89 15.40 3.90 11.83
CA TYR A 89 15.03 2.51 11.98
C TYR A 89 15.73 1.65 10.95
N GLU A 90 16.05 0.42 11.36
CA GLU A 90 16.64 -0.55 10.46
C GLU A 90 15.63 -0.94 9.36
N SER A 91 16.09 -0.90 8.11
CA SER A 91 15.28 -1.39 7.00
C SER A 91 15.56 -2.86 6.76
N LYS A 92 14.57 -3.55 6.18
CA LYS A 92 14.70 -4.92 5.71
C LYS A 92 14.11 -4.95 4.30
N PHE A 93 14.96 -4.94 3.29
CA PHE A 93 14.54 -5.11 1.89
C PHE A 93 14.33 -6.57 1.61
N LEU A 94 13.14 -6.92 1.15
CA LEU A 94 12.79 -8.32 0.84
C LEU A 94 12.78 -8.47 -0.66
N PRO A 95 13.85 -9.01 -1.26
CA PRO A 95 13.91 -9.03 -2.76
C PRO A 95 13.03 -10.14 -3.33
N VAL A 96 11.71 -9.99 -3.15
CA VAL A 96 10.76 -10.98 -3.65
C VAL A 96 10.35 -10.52 -5.04
N LEU A 97 10.96 -11.11 -6.05
CA LEU A 97 10.79 -10.60 -7.41
C LEU A 97 9.94 -11.50 -8.29
N LYS A 98 9.77 -12.76 -7.92
CA LYS A 98 8.91 -13.70 -8.63
C LYS A 98 8.26 -14.57 -7.58
N ARG A 99 7.24 -15.32 -8.00
CA ARG A 99 6.36 -15.98 -7.06
C ARG A 99 7.09 -17.05 -6.25
N GLU A 100 8.08 -17.72 -6.84
CA GLU A 100 8.86 -18.68 -6.08
C GLU A 100 9.48 -18.06 -4.85
N ASP A 101 9.90 -16.79 -4.92
CA ASP A 101 10.53 -16.14 -3.78
C ASP A 101 9.56 -15.93 -2.62
N ALA A 102 8.25 -15.94 -2.87
CA ALA A 102 7.27 -15.75 -1.82
C ALA A 102 7.08 -16.99 -0.97
N ASP A 103 7.86 -18.05 -1.21
CA ASP A 103 7.86 -19.25 -0.38
C ASP A 103 9.09 -19.33 0.52
N ASN A 104 10.09 -18.46 0.31
CA ASN A 104 11.29 -18.39 1.15
C ASN A 104 10.94 -18.30 2.62
N PRO A 105 11.16 -19.36 3.39
CA PRO A 105 10.77 -19.34 4.82
C PRO A 105 11.50 -18.29 5.65
N GLU A 106 12.67 -17.84 5.25
CA GLU A 106 13.31 -16.72 5.93
C GLU A 106 12.47 -15.47 5.76
N PHE A 107 12.06 -15.19 4.51
CA PHE A 107 11.23 -14.01 4.24
C PHE A 107 9.89 -14.10 4.97
N VAL A 108 9.25 -15.28 4.94
CA VAL A 108 7.97 -15.47 5.62
C VAL A 108 8.13 -15.27 7.12
N GLU A 109 9.28 -15.66 7.68
CA GLU A 109 9.48 -15.43 9.10
C GLU A 109 9.67 -13.94 9.42
N LEU A 110 10.37 -13.21 8.54
CA LEU A 110 10.64 -11.79 8.77
C LEU A 110 9.38 -10.93 8.79
N VAL A 111 8.42 -11.23 7.91
CA VAL A 111 7.25 -10.37 7.80
C VAL A 111 6.31 -10.52 8.98
N LYS A 112 6.53 -11.52 9.82
CA LYS A 112 5.60 -11.84 10.88
C LYS A 112 5.83 -11.01 12.13
N ASP A 113 6.93 -10.28 12.21
CA ASP A 113 7.13 -9.30 13.30
C ASP A 113 7.80 -8.03 12.76
N ALA A 114 7.00 -7.14 12.20
CA ALA A 114 7.52 -5.94 11.56
C ALA A 114 6.64 -4.76 11.92
N ALA A 115 7.26 -3.66 12.39
CA ALA A 115 6.46 -2.48 12.72
C ALA A 115 5.79 -1.89 11.49
N LEU A 116 6.46 -1.92 10.36
CA LEU A 116 5.85 -1.48 9.09
C LEU A 116 6.26 -2.40 7.96
N ILE A 117 5.27 -2.77 7.15
CA ILE A 117 5.49 -3.47 5.88
C ILE A 117 4.96 -2.55 4.79
N TYR A 118 5.81 -2.26 3.79
CA TYR A 118 5.52 -1.27 2.75
C TYR A 118 5.62 -1.91 1.37
N PHE A 119 4.52 -1.84 0.58
CA PHE A 119 4.58 -2.21 -0.84
C PHE A 119 4.89 -0.96 -1.65
N SER A 120 6.06 -0.93 -2.31
CA SER A 120 6.36 0.19 -3.19
C SER A 120 5.75 -0.03 -4.58
N GLY A 121 5.91 0.98 -5.43
CA GLY A 121 5.21 1.05 -6.70
C GLY A 121 5.82 0.16 -7.79
N GLY A 122 5.08 0.09 -8.90
CA GLY A 122 5.41 -0.72 -10.03
C GLY A 122 4.16 -1.17 -10.76
N ASP A 123 4.09 -2.45 -11.06
CA ASP A 123 2.99 -3.03 -11.84
C ASP A 123 2.02 -3.69 -10.87
N PRO A 124 0.81 -3.16 -10.71
CA PRO A 124 -0.11 -3.75 -9.73
C PRO A 124 -0.55 -5.15 -10.13
N HIS A 125 -0.64 -5.45 -11.42
CA HIS A 125 -1.04 -6.80 -11.81
C HIS A 125 0.03 -7.80 -11.43
N TYR A 126 1.31 -7.45 -11.64
CA TYR A 126 2.38 -8.35 -11.25
C TYR A 126 2.46 -8.50 -9.73
N LEU A 127 2.29 -7.39 -9.00
CA LEU A 127 2.33 -7.45 -7.55
C LEU A 127 1.31 -8.44 -7.06
N ALA A 128 0.06 -8.28 -7.51
CA ALA A 128 -1.03 -9.14 -7.10
C ALA A 128 -0.78 -10.60 -7.49
N ASP A 129 -0.51 -10.84 -8.77
CA ASP A 129 -0.33 -12.22 -9.23
C ASP A 129 0.84 -12.91 -8.54
N THR A 130 1.86 -12.15 -8.13
CA THR A 130 3.05 -12.77 -7.56
C THR A 130 2.88 -13.12 -6.09
N LEU A 131 2.13 -12.32 -5.31
CA LEU A 131 1.99 -12.61 -3.89
C LEU A 131 0.65 -13.21 -3.50
N ILE A 132 -0.36 -13.17 -4.36
CA ILE A 132 -1.70 -13.57 -3.89
C ILE A 132 -1.64 -15.03 -3.42
N ASN A 133 -2.23 -15.29 -2.26
CA ASN A 133 -2.34 -16.65 -1.74
C ASN A 133 -0.98 -17.32 -1.60
N THR A 134 0.02 -16.57 -1.13
CA THR A 134 1.31 -17.14 -0.88
C THR A 134 1.57 -17.18 0.62
N PRO A 135 2.51 -17.99 1.07
CA PRO A 135 2.86 -17.96 2.50
C PRO A 135 3.36 -16.60 2.92
N LEU A 136 4.07 -15.89 2.06
CA LEU A 136 4.56 -14.54 2.42
C LEU A 136 3.39 -13.58 2.67
N TRP A 137 2.40 -13.60 1.79
CA TRP A 137 1.24 -12.74 2.00
C TRP A 137 0.53 -13.11 3.30
N GLN A 138 0.36 -14.40 3.58
CA GLN A 138 -0.30 -14.79 4.82
C GLN A 138 0.48 -14.26 6.03
N GLY A 139 1.80 -14.33 5.99
CA GLY A 139 2.62 -13.69 7.03
C GLY A 139 2.38 -12.20 7.17
N ILE A 140 2.38 -11.48 6.05
CA ILE A 140 2.12 -10.04 6.08
C ILE A 140 0.74 -9.76 6.67
N TYR A 141 -0.25 -10.55 6.28
CA TYR A 141 -1.60 -10.38 6.78
C TYR A 141 -1.66 -10.62 8.29
N GLU A 142 -1.06 -11.70 8.76
CA GLU A 142 -1.00 -11.97 10.17
C GLU A 142 -0.28 -10.86 10.92
N ASN A 143 0.82 -10.35 10.37
CA ASN A 143 1.52 -9.25 11.02
C ASN A 143 0.63 -8.03 11.16
N TRP A 144 -0.08 -7.68 10.08
CA TRP A 144 -0.98 -6.55 10.12
C TRP A 144 -2.11 -6.79 11.11
N GLN A 145 -2.71 -7.97 11.07
CA GLN A 145 -3.83 -8.26 11.97
C GLN A 145 -3.39 -8.18 13.42
N SER A 146 -2.12 -8.38 13.70
CA SER A 146 -1.61 -8.36 15.06
C SER A 146 -0.85 -7.07 15.41
N GLY A 147 -1.09 -6.00 14.66
CA GLY A 147 -0.71 -4.66 15.08
C GLY A 147 0.35 -3.98 14.24
N GLY A 148 0.98 -4.69 13.31
CA GLY A 148 1.97 -4.07 12.46
C GLY A 148 1.32 -3.20 11.39
N SER A 149 1.96 -2.06 11.13
CA SER A 149 1.47 -1.15 10.10
C SER A 149 1.71 -1.75 8.71
N LEU A 150 0.79 -1.45 7.79
CA LEU A 150 0.88 -1.89 6.41
C LEU A 150 0.49 -0.74 5.50
N ALA A 151 1.30 -0.50 4.47
CA ALA A 151 1.08 0.59 3.54
C ALA A 151 1.42 0.14 2.14
N GLY A 152 0.78 0.76 1.17
CA GLY A 152 1.10 0.55 -0.22
C GLY A 152 1.01 1.86 -0.98
N CYS A 153 1.97 2.06 -1.87
CA CYS A 153 2.08 3.26 -2.66
C CYS A 153 1.84 2.95 -4.13
N SER A 154 0.94 3.71 -4.76
CA SER A 154 0.59 3.58 -6.17
C SER A 154 0.10 2.16 -6.44
N ALA A 155 0.87 1.35 -7.19
CA ALA A 155 0.49 -0.03 -7.40
C ALA A 155 0.25 -0.75 -6.09
N GLY A 156 1.05 -0.40 -5.07
CA GLY A 156 0.93 -1.06 -3.77
C GLY A 156 -0.36 -0.76 -3.07
N ALA A 157 -0.93 0.40 -3.31
CA ALA A 157 -2.25 0.72 -2.81
C ALA A 157 -3.34 0.03 -3.63
N MET A 158 -3.15 -0.08 -4.95
CA MET A 158 -4.21 -0.68 -5.79
C MET A 158 -4.46 -2.13 -5.45
N VAL A 159 -3.39 -2.85 -5.06
CA VAL A 159 -3.58 -4.29 -4.90
C VAL A 159 -4.23 -4.65 -3.56
N LEU A 160 -4.47 -3.68 -2.69
CA LEU A 160 -5.09 -3.95 -1.40
C LEU A 160 -6.62 -4.16 -1.52
N SER A 161 -7.24 -3.70 -2.60
N SER A 161 -7.23 -3.71 -2.62
CA SER A 161 -8.67 -3.94 -2.82
CA SER A 161 -8.64 -3.93 -2.90
C SER A 161 -8.88 -5.33 -3.40
C SER A 161 -8.88 -5.37 -3.33
N THR A 162 -10.15 -5.69 -3.61
CA THR A 162 -10.49 -7.02 -4.06
C THR A 162 -10.08 -7.22 -5.52
N HIS A 163 -10.05 -6.14 -6.31
CA HIS A 163 -9.81 -6.22 -7.75
C HIS A 163 -8.95 -5.06 -8.22
N VAL A 164 -8.18 -5.34 -9.28
CA VAL A 164 -7.25 -4.38 -9.87
C VAL A 164 -7.67 -4.18 -11.32
N PRO A 165 -8.00 -2.95 -11.74
CA PRO A 165 -8.50 -2.76 -13.12
C PRO A 165 -7.43 -3.04 -14.14
N ASN A 166 -7.84 -3.66 -15.25
CA ASN A 166 -6.94 -3.94 -16.37
C ASN A 166 -7.38 -3.16 -17.60
N PHE A 167 -6.62 -2.07 -17.89
CA PHE A 167 -6.96 -1.22 -19.04
C PHE A 167 -6.84 -1.95 -20.35
N ARG A 168 -5.91 -2.90 -20.45
CA ARG A 168 -5.66 -3.59 -21.69
C ARG A 168 -6.79 -4.52 -22.07
N LEU A 169 -7.75 -4.77 -21.16
CA LEU A 169 -8.74 -5.79 -21.37
C LEU A 169 -10.13 -5.20 -21.27
N SER A 170 -10.81 -5.33 -20.14
CA SER A 170 -12.14 -4.75 -19.97
C SER A 170 -12.43 -4.66 -18.47
N ARG A 171 -13.53 -3.96 -18.12
CA ARG A 171 -13.93 -3.89 -16.73
C ARG A 171 -14.34 -5.24 -16.16
N HIS A 172 -14.57 -6.25 -16.98
CA HIS A 172 -14.94 -7.56 -16.48
C HIS A 172 -13.77 -8.52 -16.36
N GLN A 173 -12.54 -8.05 -16.63
CA GLN A 173 -11.36 -8.89 -16.57
C GLN A 173 -10.33 -8.28 -15.62
N SER A 174 -10.75 -7.87 -14.44
CA SER A 174 -9.83 -7.33 -13.45
C SER A 174 -8.97 -8.45 -12.88
N THR A 175 -7.78 -8.07 -12.41
CA THR A 175 -6.96 -8.96 -11.62
C THR A 175 -7.44 -8.97 -10.16
N GLU A 176 -7.46 -10.16 -9.57
CA GLU A 176 -7.77 -10.29 -8.16
C GLU A 176 -6.63 -9.72 -7.30
N GLY A 177 -6.99 -8.82 -6.38
CA GLY A 177 -6.08 -8.30 -5.41
C GLY A 177 -6.17 -9.04 -4.08
N PHE A 178 -5.53 -8.45 -3.08
CA PHE A 178 -5.43 -9.10 -1.78
C PHE A 178 -6.71 -8.95 -0.96
N GLY A 179 -7.51 -7.91 -1.23
CA GLY A 179 -8.83 -7.78 -0.66
C GLY A 179 -8.90 -7.45 0.81
N ILE A 180 -7.96 -6.70 1.34
CA ILE A 180 -8.03 -6.33 2.74
C ILE A 180 -8.73 -5.02 3.02
N ILE A 181 -8.88 -4.13 2.05
CA ILE A 181 -9.90 -3.10 2.12
C ILE A 181 -11.06 -3.63 1.29
N GLU A 182 -12.10 -4.10 1.94
CA GLU A 182 -13.10 -4.86 1.22
C GLU A 182 -14.00 -3.97 0.37
N ASN A 183 -14.26 -2.74 0.81
CA ASN A 183 -15.26 -1.90 0.15
C ASN A 183 -14.68 -0.62 -0.42
N VAL A 184 -13.36 -0.51 -0.52
CA VAL A 184 -12.72 0.69 -1.02
C VAL A 184 -11.70 0.27 -2.08
N ARG A 185 -11.62 1.04 -3.14
CA ARG A 185 -10.57 0.93 -4.13
C ARG A 185 -9.97 2.31 -4.40
N VAL A 186 -8.68 2.32 -4.73
CA VAL A 186 -7.87 3.53 -4.85
C VAL A 186 -7.37 3.70 -6.28
N ILE A 187 -7.51 4.92 -6.79
CA ILE A 187 -6.79 5.36 -7.98
C ILE A 187 -5.65 6.26 -7.50
N PRO A 188 -4.40 5.85 -7.66
CA PRO A 188 -3.27 6.68 -7.20
C PRO A 188 -2.90 7.71 -8.25
N HIS A 189 -1.85 8.50 -7.95
CA HIS A 189 -1.33 9.49 -8.91
C HIS A 189 -2.52 10.26 -9.50
N PHE A 190 -3.53 10.58 -8.68
CA PHE A 190 -4.82 10.93 -9.27
C PHE A 190 -4.75 12.19 -10.12
N ASN A 191 -3.90 13.12 -9.75
CA ASN A 191 -3.79 14.39 -10.45
C ASN A 191 -3.06 14.25 -11.77
N LYS A 192 -2.42 13.13 -12.04
CA LYS A 192 -1.68 12.92 -13.28
C LYS A 192 -2.08 11.69 -14.09
N PHE A 193 -2.68 10.64 -13.47
CA PHE A 193 -2.91 9.37 -14.16
C PHE A 193 -3.68 9.53 -15.46
N PHE A 194 -4.66 10.40 -15.49
CA PHE A 194 -5.53 10.51 -16.66
C PHE A 194 -4.90 11.30 -17.80
N LYS A 195 -3.71 11.87 -17.58
CA LYS A 195 -2.95 12.44 -18.68
C LYS A 195 -2.18 11.36 -19.42
N TRP A 196 -2.10 10.15 -18.87
CA TRP A 196 -1.23 9.11 -19.40
C TRP A 196 -1.95 8.03 -20.18
N ILE A 197 -3.28 7.98 -20.12
CA ILE A 197 -4.03 6.87 -20.68
C ILE A 197 -5.17 7.39 -21.54
N PRO A 198 -5.64 6.60 -22.50
CA PRO A 198 -6.76 7.04 -23.34
C PRO A 198 -8.09 6.93 -22.60
N ASP A 199 -9.11 7.53 -23.20
CA ASP A 199 -10.43 7.58 -22.57
C ASP A 199 -10.97 6.19 -22.27
N SER A 200 -10.67 5.23 -23.16
CA SER A 200 -11.15 3.87 -22.98
C SER A 200 -10.60 3.28 -21.69
N ALA A 201 -9.31 3.50 -21.45
CA ALA A 201 -8.67 3.05 -20.22
C ALA A 201 -9.21 3.78 -19.00
N ALA A 202 -9.41 5.08 -19.13
CA ALA A 202 -9.94 5.87 -18.03
C ALA A 202 -11.28 5.34 -17.57
N LYS A 203 -12.12 4.88 -18.50
CA LYS A 203 -13.46 4.42 -18.14
C LYS A 203 -13.39 3.18 -17.27
N ILE A 204 -12.45 2.28 -17.58
CA ILE A 204 -12.22 1.09 -16.77
C ILE A 204 -11.69 1.48 -15.39
N LEU A 205 -10.64 2.31 -15.36
CA LEU A 205 -10.04 2.76 -14.12
C LEU A 205 -11.09 3.39 -13.20
N LEU A 206 -12.07 4.08 -13.79
CA LEU A 206 -13.06 4.79 -12.98
C LEU A 206 -14.28 3.96 -12.62
N ASP A 207 -14.42 2.73 -13.12
CA ASP A 207 -15.72 2.06 -12.94
C ASP A 207 -15.55 0.57 -13.18
N LEU A 208 -15.39 -0.17 -12.09
CA LEU A 208 -15.38 -1.62 -12.10
C LEU A 208 -16.66 -2.17 -11.51
N PRO A 209 -17.13 -3.31 -12.01
CA PRO A 209 -18.41 -3.87 -11.53
C PRO A 209 -18.32 -4.38 -10.11
N THR A 210 -17.10 -4.51 -9.57
CA THR A 210 -16.88 -4.98 -8.20
C THR A 210 -16.73 -3.83 -7.21
N ASP A 211 -16.86 -2.58 -7.66
CA ASP A 211 -16.62 -1.43 -6.81
C ASP A 211 -17.73 -1.22 -5.78
N SER A 212 -17.35 -0.65 -4.65
CA SER A 212 -18.31 -0.05 -3.72
C SER A 212 -17.94 1.43 -3.65
N ILE A 213 -16.96 1.77 -2.78
CA ILE A 213 -16.43 3.12 -2.64
C ILE A 213 -15.14 3.22 -3.44
N LEU A 214 -15.06 4.26 -4.25
CA LEU A 214 -13.92 4.52 -5.11
C LEU A 214 -13.34 5.87 -4.73
N ILE A 215 -12.03 5.90 -4.50
CA ILE A 215 -11.38 7.14 -4.12
C ILE A 215 -10.17 7.37 -4.98
N GLY A 216 -9.81 8.63 -5.13
CA GLY A 216 -8.57 9.01 -5.78
C GLY A 216 -7.65 9.66 -4.76
N ILE A 217 -6.37 9.35 -4.87
CA ILE A 217 -5.34 9.93 -4.00
C ILE A 217 -4.32 10.60 -4.90
N ASP A 218 -4.15 11.91 -4.73
CA ASP A 218 -3.17 12.68 -5.47
C ASP A 218 -1.74 12.23 -5.14
N GLU A 219 -0.80 12.65 -6.01
CA GLU A 219 0.60 12.46 -5.73
C GLU A 219 0.99 13.09 -4.40
N VAL A 220 1.93 12.41 -3.72
CA VAL A 220 2.49 12.81 -2.44
C VAL A 220 1.41 13.10 -1.42
N THR A 221 0.35 12.29 -1.47
CA THR A 221 -0.77 12.36 -0.53
C THR A 221 -1.08 10.94 -0.11
N ALA A 222 -1.62 10.81 1.11
CA ALA A 222 -1.97 9.51 1.66
C ALA A 222 -3.26 9.62 2.46
N LEU A 223 -3.87 8.47 2.64
CA LEU A 223 -5.00 8.28 3.52
C LEU A 223 -4.63 7.14 4.47
N VAL A 224 -4.85 7.35 5.78
CA VAL A 224 -4.42 6.40 6.78
C VAL A 224 -5.57 6.12 7.73
N LYS A 225 -5.74 4.86 8.08
CA LYS A 225 -6.63 4.45 9.17
C LYS A 225 -5.71 3.99 10.29
N ARG A 226 -5.61 4.76 11.35
CA ARG A 226 -4.66 4.43 12.40
C ARG A 226 -5.15 3.27 13.27
N SER A 227 -4.21 2.44 13.72
CA SER A 227 -4.49 1.38 14.65
C SER A 227 -5.29 1.92 15.83
N GLY A 228 -6.37 1.23 16.17
CA GLY A 228 -7.25 1.67 17.22
C GLY A 228 -8.28 2.69 16.82
N THR A 229 -8.38 3.04 15.54
CA THR A 229 -9.41 3.96 15.07
C THR A 229 -10.16 3.30 13.92
N ASP A 230 -11.33 3.87 13.57
CA ASP A 230 -12.06 3.35 12.42
C ASP A 230 -12.28 4.39 11.32
N HIS A 231 -11.74 5.58 11.47
CA HIS A 231 -11.85 6.59 10.43
C HIS A 231 -10.52 6.70 9.68
N TRP A 232 -10.59 7.34 8.53
CA TRP A 232 -9.45 7.53 7.66
C TRP A 232 -9.08 9.00 7.66
N GLN A 233 -7.80 9.27 7.70
CA GLN A 233 -7.32 10.64 7.76
C GLN A 233 -6.34 10.90 6.65
N VAL A 234 -6.47 12.09 6.05
CA VAL A 234 -5.68 12.51 4.92
C VAL A 234 -4.37 13.06 5.45
N VAL A 235 -3.27 12.76 4.75
CA VAL A 235 -1.93 13.21 5.10
C VAL A 235 -1.22 13.63 3.82
N GLY A 236 -0.38 14.65 3.93
CA GLY A 236 0.51 15.01 2.86
C GLY A 236 0.10 16.26 2.10
N ASP A 237 0.57 16.32 0.86
CA ASP A 237 0.67 17.58 0.12
C ASP A 237 -0.58 17.97 -0.65
N ALA A 238 -1.44 17.02 -1.06
CA ALA A 238 -2.59 17.38 -1.89
C ALA A 238 -3.89 16.75 -1.41
N LYS A 239 -4.73 16.28 -2.35
CA LYS A 239 -6.09 15.91 -2.00
C LYS A 239 -6.38 14.42 -2.18
N VAL A 240 -7.38 14.00 -1.43
CA VAL A 240 -8.07 12.73 -1.62
C VAL A 240 -9.44 13.05 -2.16
N HIS A 241 -9.83 12.36 -3.22
CA HIS A 241 -11.09 12.58 -3.91
C HIS A 241 -12.02 11.40 -3.68
N ILE A 242 -13.20 11.70 -3.13
CA ILE A 242 -14.26 10.70 -3.04
C ILE A 242 -15.00 10.69 -4.36
N LEU A 243 -14.97 9.56 -5.06
CA LEU A 243 -15.46 9.53 -6.43
C LEU A 243 -16.78 8.79 -6.61
N LYS A 244 -16.98 7.67 -5.92
CA LYS A 244 -18.14 6.82 -6.11
C LYS A 244 -18.41 6.09 -4.81
N GLY A 245 -19.71 5.79 -4.56
CA GLY A 245 -20.16 5.09 -3.39
C GLY A 245 -20.41 5.96 -2.18
N LEU A 246 -19.95 7.20 -2.21
CA LEU A 246 -20.25 8.26 -1.25
C LEU A 246 -20.30 9.58 -2.04
N PRO A 247 -20.95 10.62 -1.48
CA PRO A 247 -21.03 11.90 -2.20
C PRO A 247 -19.64 12.41 -2.60
N GLU A 248 -19.54 12.97 -3.81
CA GLU A 248 -18.30 13.50 -4.31
C GLU A 248 -17.82 14.60 -3.38
N GLN A 249 -16.53 14.57 -3.07
CA GLN A 249 -15.93 15.39 -2.04
C GLN A 249 -14.42 15.39 -2.28
N GLN A 250 -13.76 16.48 -1.92
CA GLN A 250 -12.30 16.57 -1.92
C GLN A 250 -11.85 16.92 -0.51
N LEU A 251 -10.87 16.17 -0.02
CA LEU A 251 -10.34 16.30 1.32
C LEU A 251 -8.85 16.61 1.25
N THR A 252 -8.40 17.50 2.15
CA THR A 252 -7.00 17.82 2.29
C THR A 252 -6.48 17.32 3.62
N ALA A 253 -5.18 17.58 3.83
CA ALA A 253 -4.47 17.14 5.02
C ALA A 253 -5.19 17.57 6.28
N GLY A 254 -5.37 16.61 7.20
CA GLY A 254 -6.00 16.84 8.44
C GLY A 254 -7.45 16.37 8.49
N GLU A 255 -8.13 16.33 7.35
CA GLU A 255 -9.53 15.95 7.30
C GLU A 255 -9.69 14.44 7.48
N SER A 256 -10.87 14.07 7.94
CA SER A 256 -11.22 12.69 8.28
C SER A 256 -12.49 12.30 7.53
N ILE A 257 -12.65 11.01 7.28
CA ILE A 257 -13.87 10.45 6.70
C ILE A 257 -13.98 8.98 7.12
N SER A 258 -15.22 8.49 7.24
CA SER A 258 -15.47 7.08 7.50
C SER A 258 -15.99 6.38 6.25
N PHE A 259 -15.55 5.16 6.06
CA PHE A 259 -16.05 4.32 4.96
C PHE A 259 -16.79 3.13 5.59
#